data_6GIU
#
_entry.id   6GIU
#
_cell.length_a   85.290
_cell.length_b   85.290
_cell.length_c   151.510
_cell.angle_alpha   90.00
_cell.angle_beta   90.00
_cell.angle_gamma   120.00
#
_symmetry.space_group_name_H-M   'P 32 2 1'
#
loop_
_entity.id
_entity.type
_entity.pdbx_description
1 polymer 'Inositol monophosphatase 1'
2 non-polymer 'MANGANESE (II) ION'
3 non-polymer '[1-(4-oxidanylphenoxy)-1-phosphono-ethyl]phosphonic acid'
4 non-polymer GLYCEROL
5 water water
#
_entity_poly.entity_id   1
_entity_poly.type   'polypeptide(L)'
_entity_poly.pdbx_seq_one_letter_code
;MADPWQECMDYAVTLARQAGEVVCEAIKNEMNVMLKSSPVDLVTATDQKVEKMLISSIKEKYPSHSFIGEESVAAGEKSI
LTDNPTWIIDPIDGTTNFVHRFPFVAVSIGFAVNKKIEFGVVYSCVEGKMYTARKGKGAFCNGQKLQVSQQEDITKSLLV
TELGSSRTPETVRMVLSNMEKLFCIPVHGIRSVGTAAVNMCLVATGGADAYYEMGIHCWDVAGAGIIVTEAGGVLMDVTG
GPFDLMSRRVIAANNRILAERIAKEIQVIPLQRDDED
;
_entity_poly.pdbx_strand_id   A,B
#
# COMPACT_ATOMS: atom_id res chain seq x y z
N ASP A 3 -27.78 -11.11 18.94
CA ASP A 3 -27.33 -11.27 17.57
C ASP A 3 -28.07 -12.42 16.88
N PRO A 4 -29.28 -12.18 16.29
CA PRO A 4 -30.01 -13.25 15.57
C PRO A 4 -29.38 -13.58 14.20
N TRP A 5 -28.44 -12.76 13.73
CA TRP A 5 -27.81 -12.95 12.43
C TRP A 5 -26.43 -13.64 12.56
N GLN A 6 -26.15 -14.27 13.71
CA GLN A 6 -24.89 -14.98 13.91
C GLN A 6 -24.74 -16.12 12.89
N GLU A 7 -25.77 -16.96 12.68
CA GLU A 7 -25.68 -18.08 11.74
C GLU A 7 -25.35 -17.56 10.34
N CYS A 8 -26.05 -16.49 9.94
CA CYS A 8 -25.84 -15.86 8.61
CA CYS A 8 -25.86 -15.85 8.68
C CYS A 8 -24.41 -15.38 8.50
N MET A 9 -23.88 -14.67 9.50
CA MET A 9 -22.49 -14.20 9.41
C MET A 9 -21.53 -15.33 9.39
N ASP A 10 -21.74 -16.37 10.21
CA ASP A 10 -20.77 -17.47 10.18
C ASP A 10 -20.79 -18.12 8.80
N TYR A 11 -21.95 -18.21 8.15
CA TYR A 11 -22.00 -18.74 6.80
C TYR A 11 -21.26 -17.81 5.82
N ALA A 12 -21.47 -16.49 5.96
CA ALA A 12 -20.77 -15.51 5.15
C ALA A 12 -19.24 -15.65 5.25
N VAL A 13 -18.71 -15.93 6.47
CA VAL A 13 -17.29 -16.10 6.66
C VAL A 13 -16.81 -17.34 5.90
N THR A 14 -17.56 -18.45 5.98
CA THR A 14 -17.13 -19.65 5.25
CA THR A 14 -17.18 -19.67 5.26
C THR A 14 -17.13 -19.40 3.75
N LEU A 15 -18.12 -18.68 3.26
CA LEU A 15 -18.20 -18.38 1.82
C LEU A 15 -17.09 -17.46 1.39
N ALA A 16 -16.80 -16.44 2.22
CA ALA A 16 -15.70 -15.52 1.89
C ALA A 16 -14.37 -16.26 1.82
N ARG A 17 -14.12 -17.21 2.76
CA ARG A 17 -12.88 -17.96 2.75
CA ARG A 17 -12.88 -17.98 2.76
C ARG A 17 -12.83 -18.86 1.50
N GLN A 18 -13.97 -19.49 1.12
CA GLN A 18 -14.03 -20.32 -0.09
C GLN A 18 -13.72 -19.48 -1.31
N ALA A 19 -14.38 -18.32 -1.43
CA ALA A 19 -14.16 -17.41 -2.55
C ALA A 19 -12.70 -16.97 -2.58
N GLY A 20 -12.14 -16.65 -1.42
CA GLY A 20 -10.75 -16.22 -1.31
C GLY A 20 -9.78 -17.24 -1.83
N GLU A 21 -10.06 -18.52 -1.58
CA GLU A 21 -9.24 -19.60 -2.12
C GLU A 21 -9.29 -19.63 -3.65
N VAL A 22 -10.46 -19.38 -4.25
CA VAL A 22 -10.62 -19.31 -5.71
C VAL A 22 -9.76 -18.13 -6.22
N VAL A 23 -9.85 -16.97 -5.55
CA VAL A 23 -9.10 -15.77 -5.97
C VAL A 23 -7.59 -16.01 -5.84
N CYS A 24 -7.15 -16.62 -4.75
CA CYS A 24 -5.73 -16.96 -4.58
C CYS A 24 -5.20 -17.85 -5.63
N GLU A 25 -5.98 -18.86 -6.01
CA GLU A 25 -5.53 -19.78 -7.05
C GLU A 25 -5.42 -19.02 -8.36
N ALA A 26 -6.44 -18.21 -8.69
CA ALA A 26 -6.49 -17.48 -9.94
C ALA A 26 -5.38 -16.42 -10.05
N ILE A 27 -4.99 -15.78 -8.96
CA ILE A 27 -3.99 -14.71 -9.02
C ILE A 27 -2.60 -15.26 -9.40
N LYS A 28 -2.37 -16.57 -9.27
CA LYS A 28 -1.10 -17.21 -9.63
C LYS A 28 -1.10 -17.68 -11.10
N ASN A 29 -2.27 -17.70 -11.77
CA ASN A 29 -2.45 -18.21 -13.12
C ASN A 29 -2.52 -17.08 -14.14
N GLU A 30 -2.51 -17.45 -15.42
CA GLU A 30 -2.57 -16.48 -16.52
C GLU A 30 -3.82 -15.62 -16.41
N MET A 31 -3.66 -14.32 -16.70
CA MET A 31 -4.70 -13.30 -16.65
C MET A 31 -5.21 -12.96 -18.05
N ASN A 32 -6.53 -13.03 -18.28
CA ASN A 32 -7.15 -12.54 -19.52
CA ASN A 32 -7.13 -12.55 -19.52
C ASN A 32 -7.94 -11.32 -19.10
N VAL A 33 -7.31 -10.15 -19.19
CA VAL A 33 -7.91 -8.93 -18.70
C VAL A 33 -8.99 -8.43 -19.63
N MET A 34 -10.18 -8.13 -19.08
CA MET A 34 -11.30 -7.57 -19.83
C MET A 34 -11.61 -6.19 -19.32
N LEU A 35 -12.18 -5.36 -20.17
CA LEU A 35 -12.60 -4.01 -19.83
C LEU A 35 -14.07 -3.90 -19.65
N LYS A 36 -14.48 -2.98 -18.80
CA LYS A 36 -15.87 -2.62 -18.61
C LYS A 36 -16.05 -1.24 -19.25
N SER A 37 -16.14 -0.15 -18.53
CA SER A 37 -16.46 1.15 -19.12
C SER A 37 -15.30 1.90 -19.73
N SER A 38 -14.07 1.52 -19.45
CA SER A 38 -12.91 2.27 -19.89
C SER A 38 -11.70 1.37 -19.90
N PRO A 39 -10.54 1.85 -20.41
CA PRO A 39 -9.33 1.03 -20.38
C PRO A 39 -8.69 0.89 -19.00
N VAL A 40 -9.28 1.49 -17.94
CA VAL A 40 -8.76 1.34 -16.57
C VAL A 40 -9.85 0.80 -15.62
N ASP A 41 -10.97 0.28 -16.15
CA ASP A 41 -12.06 -0.32 -15.39
C ASP A 41 -12.05 -1.77 -15.75
N LEU A 42 -11.36 -2.56 -14.98
CA LEU A 42 -11.01 -3.92 -15.33
C LEU A 42 -11.84 -4.98 -14.65
N VAL A 43 -11.83 -6.17 -15.26
CA VAL A 43 -12.52 -7.33 -14.73
C VAL A 43 -11.97 -8.57 -15.38
N THR A 44 -12.14 -9.71 -14.74
CA THR A 44 -11.77 -10.98 -15.35
C THR A 44 -12.92 -11.96 -15.14
N ALA A 45 -12.80 -13.14 -15.77
CA ALA A 45 -13.80 -14.18 -15.58
C ALA A 45 -13.88 -14.61 -14.12
N THR A 46 -12.80 -14.46 -13.35
CA THR A 46 -12.77 -14.87 -11.95
C THR A 46 -13.78 -14.07 -11.14
N ASP A 47 -13.94 -12.77 -11.42
CA ASP A 47 -14.89 -11.95 -10.64
C ASP A 47 -16.30 -12.49 -10.78
N GLN A 48 -16.64 -12.83 -12.02
CA GLN A 48 -17.95 -13.27 -12.40
C GLN A 48 -18.22 -14.67 -11.83
N LYS A 49 -17.22 -15.53 -11.88
CA LYS A 49 -17.32 -16.89 -11.32
C LYS A 49 -17.53 -16.82 -9.81
N VAL A 50 -16.71 -16.03 -9.13
CA VAL A 50 -16.83 -15.92 -7.68
C VAL A 50 -18.18 -15.34 -7.28
N GLU A 51 -18.65 -14.27 -7.96
CA GLU A 51 -19.93 -13.70 -7.60
C GLU A 51 -21.07 -14.70 -7.80
N LYS A 52 -21.03 -15.44 -8.91
CA LYS A 52 -22.09 -16.42 -9.17
C LYS A 52 -22.07 -17.51 -8.11
N MET A 53 -20.89 -17.96 -7.68
CA MET A 53 -20.79 -18.97 -6.61
C MET A 53 -21.39 -18.44 -5.31
N LEU A 54 -21.04 -17.19 -4.96
CA LEU A 54 -21.53 -16.60 -3.72
C LEU A 54 -23.04 -16.47 -3.73
N ILE A 55 -23.60 -15.88 -4.78
CA ILE A 55 -25.04 -15.69 -4.84
C ILE A 55 -25.77 -17.05 -4.86
N SER A 56 -25.30 -18.03 -5.63
CA SER A 56 -26.01 -19.30 -5.66
CA SER A 56 -25.92 -19.36 -5.68
C SER A 56 -25.92 -20.00 -4.30
N SER A 57 -24.79 -19.93 -3.60
CA SER A 57 -24.66 -20.53 -2.27
C SER A 57 -25.57 -19.84 -1.27
N ILE A 58 -25.66 -18.51 -1.30
CA ILE A 58 -26.55 -17.82 -0.38
C ILE A 58 -28.03 -18.15 -0.70
N LYS A 59 -28.39 -18.20 -1.98
CA LYS A 59 -29.77 -18.51 -2.41
C LYS A 59 -30.20 -19.86 -1.90
N GLU A 60 -29.30 -20.84 -1.91
CA GLU A 60 -29.64 -22.19 -1.42
C GLU A 60 -30.07 -22.18 0.02
N LYS A 61 -29.30 -21.51 0.90
CA LYS A 61 -29.57 -21.49 2.33
C LYS A 61 -30.61 -20.46 2.73
N TYR A 62 -30.63 -19.30 2.04
CA TYR A 62 -31.52 -18.20 2.35
C TYR A 62 -32.25 -17.74 1.10
N PRO A 63 -33.17 -18.57 0.60
CA PRO A 63 -33.83 -18.25 -0.68
C PRO A 63 -34.67 -16.98 -0.72
N SER A 64 -35.14 -16.45 0.43
CA SER A 64 -35.93 -15.22 0.44
C SER A 64 -35.08 -13.95 0.46
N HIS A 65 -33.75 -14.07 0.65
CA HIS A 65 -32.93 -12.87 0.75
C HIS A 65 -32.66 -12.25 -0.62
N SER A 66 -32.30 -10.96 -0.58
CA SER A 66 -31.98 -10.17 -1.76
C SER A 66 -30.46 -10.01 -1.90
N PHE A 67 -30.06 -9.57 -3.09
CA PHE A 67 -28.65 -9.39 -3.47
C PHE A 67 -28.37 -8.12 -4.19
N ILE A 68 -27.21 -7.52 -3.94
CA ILE A 68 -26.63 -6.44 -4.75
C ILE A 68 -25.21 -6.88 -4.98
N GLY A 69 -24.81 -7.18 -6.20
CA GLY A 69 -23.46 -7.61 -6.49
C GLY A 69 -22.88 -6.77 -7.59
N GLU A 70 -21.60 -6.41 -7.48
CA GLU A 70 -20.98 -5.59 -8.51
C GLU A 70 -21.17 -6.14 -9.91
N GLU A 71 -20.79 -7.38 -10.15
CA GLU A 71 -20.81 -7.90 -11.52
C GLU A 71 -22.25 -8.23 -11.95
N SER A 72 -23.17 -8.44 -11.00
CA SER A 72 -24.61 -8.62 -11.34
C SER A 72 -25.18 -7.30 -11.78
N VAL A 73 -24.74 -6.17 -11.20
CA VAL A 73 -25.15 -4.85 -11.62
C VAL A 73 -24.59 -4.61 -12.99
N ALA A 74 -23.34 -5.04 -13.29
CA ALA A 74 -22.80 -4.91 -14.65
C ALA A 74 -23.67 -5.71 -15.62
N ALA A 75 -24.30 -6.80 -15.15
CA ALA A 75 -25.19 -7.63 -15.99
C ALA A 75 -26.65 -7.09 -16.07
N GLY A 76 -26.95 -5.95 -15.47
CA GLY A 76 -28.25 -5.32 -15.55
C GLY A 76 -29.10 -5.36 -14.30
N GLU A 77 -28.63 -6.02 -13.22
CA GLU A 77 -29.41 -6.02 -11.97
C GLU A 77 -29.37 -4.62 -11.34
N LYS A 78 -30.38 -4.32 -10.53
CA LYS A 78 -30.50 -3.00 -9.91
C LYS A 78 -29.78 -2.96 -8.58
N SER A 79 -29.28 -1.78 -8.17
CA SER A 79 -28.64 -1.58 -6.88
CA SER A 79 -28.64 -1.57 -6.87
C SER A 79 -29.60 -0.78 -6.00
N ILE A 80 -30.81 -1.34 -5.77
CA ILE A 80 -31.85 -0.75 -4.92
C ILE A 80 -31.88 -1.56 -3.65
N LEU A 81 -31.74 -0.91 -2.51
CA LEU A 81 -31.73 -1.59 -1.22
C LEU A 81 -33.10 -1.45 -0.57
N THR A 82 -33.80 -2.57 -0.39
CA THR A 82 -35.08 -2.63 0.32
C THR A 82 -34.81 -3.02 1.77
N ASP A 83 -35.87 -3.16 2.59
CA ASP A 83 -35.74 -3.59 3.98
C ASP A 83 -35.44 -5.06 4.10
N ASN A 84 -35.64 -5.83 3.03
CA ASN A 84 -35.43 -7.26 3.02
C ASN A 84 -33.97 -7.56 3.34
N PRO A 85 -33.64 -8.65 4.06
CA PRO A 85 -32.22 -8.98 4.27
C PRO A 85 -31.53 -9.06 2.92
N THR A 86 -30.43 -8.29 2.78
CA THR A 86 -29.74 -8.14 1.51
C THR A 86 -28.26 -8.32 1.67
N TRP A 87 -27.69 -9.13 0.77
CA TRP A 87 -26.25 -9.40 0.71
C TRP A 87 -25.64 -8.49 -0.35
N ILE A 88 -24.67 -7.63 0.05
CA ILE A 88 -24.06 -6.63 -0.82
C ILE A 88 -22.63 -7.12 -1.05
N ILE A 89 -22.32 -7.60 -2.25
CA ILE A 89 -21.15 -8.36 -2.55
C ILE A 89 -20.23 -7.68 -3.54
N ASP A 90 -18.93 -7.67 -3.22
CA ASP A 90 -17.87 -7.36 -4.17
C ASP A 90 -17.03 -8.64 -4.25
N PRO A 91 -17.09 -9.37 -5.37
CA PRO A 91 -16.40 -10.67 -5.41
C PRO A 91 -14.88 -10.52 -5.37
N ILE A 92 -14.37 -9.45 -6.00
CA ILE A 92 -12.95 -9.11 -5.97
C ILE A 92 -12.88 -7.60 -5.89
N ASP A 93 -12.54 -7.08 -4.70
CA ASP A 93 -12.29 -5.66 -4.53
C ASP A 93 -10.80 -5.47 -4.71
N GLY A 94 -10.41 -4.69 -5.70
CA GLY A 94 -9.03 -4.59 -6.12
C GLY A 94 -8.77 -5.36 -7.40
N THR A 95 -9.63 -5.20 -8.42
CA THR A 95 -9.42 -5.91 -9.69
C THR A 95 -8.14 -5.47 -10.39
N THR A 96 -7.79 -4.18 -10.32
CA THR A 96 -6.53 -3.74 -10.91
C THR A 96 -5.37 -4.40 -10.20
N ASN A 97 -5.42 -4.45 -8.85
CA ASN A 97 -4.37 -5.15 -8.12
C ASN A 97 -4.30 -6.61 -8.53
N PHE A 98 -5.46 -7.26 -8.60
CA PHE A 98 -5.54 -8.68 -8.94
C PHE A 98 -4.84 -8.98 -10.27
N VAL A 99 -5.12 -8.22 -11.32
CA VAL A 99 -4.53 -8.55 -12.62
C VAL A 99 -3.04 -8.26 -12.66
N HIS A 100 -2.53 -7.47 -11.72
CA HIS A 100 -1.10 -7.20 -11.59
C HIS A 100 -0.41 -8.07 -10.54
N ARG A 101 -1.16 -8.89 -9.79
CA ARG A 101 -0.65 -9.68 -8.68
CA ARG A 101 -0.64 -9.69 -8.69
C ARG A 101 -0.13 -8.77 -7.55
N PHE A 102 -0.70 -7.55 -7.43
CA PHE A 102 -0.36 -6.63 -6.34
C PHE A 102 -1.12 -7.22 -5.14
N PRO A 103 -0.46 -7.51 -4.01
CA PRO A 103 -1.02 -8.46 -3.05
C PRO A 103 -2.08 -7.96 -2.06
N PHE A 104 -2.99 -7.11 -2.51
CA PHE A 104 -4.11 -6.61 -1.72
C PHE A 104 -5.35 -6.76 -2.55
N VAL A 105 -6.06 -7.86 -2.33
CA VAL A 105 -7.27 -8.21 -3.07
CA VAL A 105 -7.30 -8.16 -3.05
C VAL A 105 -8.25 -8.76 -2.04
N ALA A 106 -9.51 -8.33 -2.08
CA ALA A 106 -10.44 -8.77 -1.06
C ALA A 106 -11.77 -9.23 -1.60
N VAL A 107 -12.39 -10.14 -0.86
CA VAL A 107 -13.77 -10.52 -1.05
C VAL A 107 -14.55 -9.74 0.00
N SER A 108 -15.60 -8.99 -0.38
CA SER A 108 -16.34 -8.19 0.57
C SER A 108 -17.81 -8.56 0.57
N ILE A 109 -18.38 -8.77 1.76
CA ILE A 109 -19.79 -9.08 1.93
C ILE A 109 -20.33 -8.22 3.04
N GLY A 110 -21.33 -7.40 2.72
CA GLY A 110 -22.08 -6.64 3.70
C GLY A 110 -23.49 -7.18 3.75
N PHE A 111 -24.11 -7.22 4.92
CA PHE A 111 -25.44 -7.78 5.07
C PHE A 111 -26.32 -6.74 5.74
N ALA A 112 -27.39 -6.33 5.04
CA ALA A 112 -28.28 -5.27 5.50
C ALA A 112 -29.66 -5.79 5.77
N VAL A 113 -30.24 -5.28 6.86
CA VAL A 113 -31.64 -5.56 7.24
C VAL A 113 -32.26 -4.20 7.56
N ASN A 114 -33.46 -3.92 7.02
CA ASN A 114 -34.10 -2.62 7.22
C ASN A 114 -33.18 -1.49 6.74
N LYS A 115 -32.40 -1.78 5.66
CA LYS A 115 -31.47 -0.86 5.01
C LYS A 115 -30.28 -0.47 5.89
N LYS A 116 -30.03 -1.21 6.99
CA LYS A 116 -28.93 -0.94 7.90
C LYS A 116 -28.02 -2.15 7.95
N ILE A 117 -26.70 -1.92 7.88
CA ILE A 117 -25.75 -3.04 7.90
C ILE A 117 -25.72 -3.70 9.27
N GLU A 118 -25.91 -5.03 9.31
CA GLU A 118 -25.91 -5.83 10.52
C GLU A 118 -24.58 -6.55 10.70
N PHE A 119 -23.93 -6.94 9.61
CA PHE A 119 -22.59 -7.53 9.69
C PHE A 119 -21.85 -7.29 8.42
N GLY A 120 -20.54 -7.41 8.52
CA GLY A 120 -19.65 -7.27 7.38
C GLY A 120 -18.48 -8.23 7.48
N VAL A 121 -18.04 -8.74 6.33
CA VAL A 121 -16.94 -9.66 6.19
C VAL A 121 -16.07 -9.18 5.06
N VAL A 122 -14.78 -9.03 5.31
CA VAL A 122 -13.80 -8.64 4.29
C VAL A 122 -12.65 -9.60 4.41
N TYR A 123 -12.41 -10.40 3.37
CA TYR A 123 -11.29 -11.34 3.40
C TYR A 123 -10.21 -10.87 2.44
N SER A 124 -9.07 -10.41 2.98
CA SER A 124 -7.90 -9.99 2.19
C SER A 124 -7.22 -11.31 1.85
N CYS A 125 -7.47 -11.81 0.65
CA CYS A 125 -7.13 -13.22 0.50
CA CYS A 125 -7.12 -13.16 0.14
C CYS A 125 -5.66 -13.53 0.21
N VAL A 126 -4.82 -12.64 -0.32
CA VAL A 126 -3.40 -12.99 -0.45
C VAL A 126 -2.76 -12.96 0.92
N GLU A 127 -3.17 -12.01 1.77
CA GLU A 127 -2.68 -11.92 3.15
C GLU A 127 -3.21 -13.01 4.07
N GLY A 128 -4.37 -13.57 3.74
CA GLY A 128 -5.05 -14.54 4.57
C GLY A 128 -5.63 -13.88 5.81
N LYS A 129 -6.13 -12.62 5.69
CA LYS A 129 -6.68 -11.88 6.82
C LYS A 129 -8.19 -11.78 6.69
N MET A 130 -8.91 -12.38 7.63
CA MET A 130 -10.35 -12.39 7.69
C MET A 130 -10.81 -11.33 8.66
N TYR A 131 -11.34 -10.22 8.12
CA TYR A 131 -11.89 -9.12 8.91
C TYR A 131 -13.38 -9.30 9.04
N THR A 132 -13.93 -9.18 10.24
CA THR A 132 -15.36 -9.37 10.48
C THR A 132 -15.87 -8.42 11.52
N ALA A 133 -17.17 -8.13 11.46
CA ALA A 133 -17.84 -7.40 12.51
C ALA A 133 -19.31 -7.62 12.44
N ARG A 134 -19.92 -7.72 13.61
CA ARG A 134 -21.37 -7.84 13.77
CA ARG A 134 -21.37 -7.83 13.78
C ARG A 134 -21.80 -6.67 14.66
N LYS A 135 -22.92 -5.99 14.33
CA LYS A 135 -23.40 -4.85 15.11
C LYS A 135 -23.49 -5.17 16.59
N GLY A 136 -22.81 -4.36 17.40
CA GLY A 136 -22.76 -4.51 18.84
C GLY A 136 -21.81 -5.55 19.40
N LYS A 137 -21.08 -6.31 18.55
CA LYS A 137 -20.24 -7.43 18.98
C LYS A 137 -18.75 -7.21 18.74
N GLY A 138 -18.33 -6.08 18.18
CA GLY A 138 -16.92 -5.81 17.92
C GLY A 138 -16.45 -6.20 16.54
N ALA A 139 -15.21 -5.80 16.23
CA ALA A 139 -14.54 -6.05 14.96
C ALA A 139 -13.29 -6.84 15.22
N PHE A 140 -13.00 -7.79 14.32
CA PHE A 140 -11.90 -8.71 14.49
C PHE A 140 -11.15 -8.96 13.23
N CYS A 141 -9.88 -9.29 13.36
CA CYS A 141 -9.06 -9.78 12.27
C CYS A 141 -8.32 -11.02 12.75
N ASN A 142 -8.67 -12.19 12.24
CA ASN A 142 -7.99 -13.45 12.62
C ASN A 142 -7.85 -13.60 14.15
N GLY A 143 -8.93 -13.36 14.89
CA GLY A 143 -8.92 -13.56 16.33
C GLY A 143 -8.44 -12.39 17.17
N GLN A 144 -8.01 -11.30 16.51
CA GLN A 144 -7.55 -10.13 17.22
C GLN A 144 -8.65 -9.08 17.18
N LYS A 145 -9.10 -8.61 18.33
CA LYS A 145 -10.12 -7.58 18.35
C LYS A 145 -9.48 -6.25 17.91
N LEU A 146 -10.21 -5.54 17.06
CA LEU A 146 -9.69 -4.31 16.46
C LEU A 146 -10.14 -3.09 17.19
N GLN A 147 -9.24 -2.11 17.22
CA GLN A 147 -9.54 -0.80 17.78
C GLN A 147 -8.90 0.28 16.91
N VAL A 148 -9.69 1.30 16.55
CA VAL A 148 -9.14 2.44 15.80
C VAL A 148 -8.11 3.19 16.64
N SER A 149 -7.29 4.01 15.98
CA SER A 149 -6.31 4.80 16.70
C SER A 149 -7.02 5.90 17.49
N GLN A 150 -6.26 6.55 18.36
CA GLN A 150 -6.75 7.61 19.22
C GLN A 150 -6.49 8.98 18.66
N GLN A 151 -5.75 9.09 17.57
CA GLN A 151 -5.29 10.39 17.08
C GLN A 151 -6.38 11.38 16.78
N GLU A 152 -6.36 12.55 17.43
CA GLU A 152 -7.31 13.63 17.16
C GLU A 152 -6.66 14.86 16.52
N ASP A 153 -5.37 14.80 16.21
CA ASP A 153 -4.60 15.89 15.63
C ASP A 153 -4.31 15.53 14.18
N ILE A 154 -4.99 16.20 13.27
CA ILE A 154 -4.83 15.95 11.85
C ILE A 154 -3.37 16.09 11.43
N THR A 155 -2.58 16.95 12.10
CA THR A 155 -1.20 17.13 11.67
C THR A 155 -0.30 15.96 12.03
N LYS A 156 -0.82 14.98 12.79
CA LYS A 156 -0.06 13.81 13.15
C LYS A 156 -0.76 12.56 12.61
N SER A 157 -1.57 12.71 11.55
CA SER A 157 -2.37 11.62 11.02
C SER A 157 -1.79 11.02 9.77
N LEU A 158 -2.14 9.74 9.53
CA LEU A 158 -1.79 9.00 8.33
C LEU A 158 -3.10 8.66 7.64
N LEU A 159 -3.26 9.13 6.40
CA LEU A 159 -4.48 8.90 5.68
C LEU A 159 -4.31 7.90 4.58
N VAL A 160 -5.44 7.31 4.17
CA VAL A 160 -5.49 6.44 3.04
CA VAL A 160 -5.46 6.39 3.03
C VAL A 160 -6.49 6.97 2.04
N THR A 161 -6.16 6.91 0.75
CA THR A 161 -7.09 7.32 -0.30
C THR A 161 -6.61 6.73 -1.59
N GLU A 162 -7.38 6.91 -2.65
CA GLU A 162 -7.03 6.40 -3.96
C GLU A 162 -7.33 7.44 -5.02
N LEU A 163 -6.67 7.32 -6.15
CA LEU A 163 -6.81 8.33 -7.21
C LEU A 163 -8.07 8.17 -8.03
N GLY A 164 -8.66 6.98 -8.07
CA GLY A 164 -9.94 6.77 -8.73
C GLY A 164 -9.87 6.18 -10.10
N SER A 165 -11.01 5.74 -10.64
N SER A 165 -11.03 5.75 -10.63
CA SER A 165 -11.04 5.13 -11.98
CA SER A 165 -11.11 5.15 -11.96
C SER A 165 -11.29 6.13 -13.10
C SER A 165 -11.14 6.16 -13.07
N SER A 166 -11.52 7.42 -12.79
CA SER A 166 -11.64 8.41 -13.84
C SER A 166 -10.29 8.86 -14.32
N ARG A 167 -10.19 9.17 -15.61
CA ARG A 167 -9.02 9.85 -16.18
C ARG A 167 -9.47 11.17 -16.82
N THR A 168 -10.67 11.63 -16.50
CA THR A 168 -11.17 12.93 -17.03
C THR A 168 -10.29 14.02 -16.43
N PRO A 169 -9.64 14.88 -17.23
CA PRO A 169 -8.71 15.86 -16.66
C PRO A 169 -9.26 16.71 -15.54
N GLU A 170 -10.48 17.21 -15.63
CA GLU A 170 -11.03 18.06 -14.57
C GLU A 170 -11.22 17.26 -13.28
N THR A 171 -11.64 16.00 -13.39
CA THR A 171 -11.84 15.15 -12.22
C THR A 171 -10.51 14.82 -11.57
N VAL A 172 -9.53 14.44 -12.36
CA VAL A 172 -8.20 14.10 -11.82
C VAL A 172 -7.63 15.35 -11.13
N ARG A 173 -7.78 16.53 -11.74
CA ARG A 173 -7.27 17.75 -11.10
C ARG A 173 -7.91 17.98 -9.75
N MET A 174 -9.21 17.72 -9.62
CA MET A 174 -9.89 17.93 -8.33
CA MET A 174 -9.90 17.91 -8.35
C MET A 174 -9.43 16.89 -7.31
N VAL A 175 -9.26 15.63 -7.73
CA VAL A 175 -8.79 14.60 -6.80
C VAL A 175 -7.39 14.96 -6.30
N LEU A 176 -6.50 15.42 -7.19
CA LEU A 176 -5.15 15.78 -6.80
C LEU A 176 -5.14 17.06 -5.98
N SER A 177 -6.05 18.00 -6.25
CA SER A 177 -6.13 19.22 -5.44
C SER A 177 -6.54 18.89 -4.02
N ASN A 178 -7.55 18.01 -3.88
CA ASN A 178 -7.99 17.60 -2.54
C ASN A 178 -6.81 16.94 -1.80
N MET A 179 -6.07 16.07 -2.49
CA MET A 179 -4.93 15.42 -1.87
CA MET A 179 -4.90 15.38 -1.95
C MET A 179 -3.89 16.42 -1.46
N GLU A 180 -3.62 17.42 -2.32
CA GLU A 180 -2.64 18.47 -2.00
C GLU A 180 -3.04 19.22 -0.75
N LYS A 181 -4.31 19.65 -0.69
CA LYS A 181 -4.77 20.41 0.46
C LYS A 181 -4.60 19.64 1.76
N LEU A 182 -4.95 18.36 1.78
CA LEU A 182 -4.78 17.57 2.99
C LEU A 182 -3.30 17.36 3.30
N PHE A 183 -2.53 17.01 2.28
CA PHE A 183 -1.12 16.73 2.45
C PHE A 183 -0.36 17.90 3.08
N CYS A 184 -0.73 19.13 2.65
CA CYS A 184 -0.07 20.36 3.10
C CYS A 184 -0.67 21.00 4.35
N ILE A 185 -1.60 20.33 5.06
CA ILE A 185 -2.08 20.84 6.34
C ILE A 185 -0.91 21.10 7.33
N PRO A 186 0.08 20.20 7.52
CA PRO A 186 0.31 18.91 6.87
C PRO A 186 -0.33 17.76 7.59
N VAL A 187 -0.36 16.62 6.91
CA VAL A 187 -0.59 15.32 7.54
C VAL A 187 0.77 14.61 7.48
N HIS A 188 0.91 13.53 8.28
CA HIS A 188 2.15 12.77 8.22
C HIS A 188 2.36 12.08 6.87
N GLY A 189 1.28 11.61 6.24
CA GLY A 189 1.38 10.95 4.96
C GLY A 189 0.05 10.46 4.43
N ILE A 190 0.08 9.97 3.21
CA ILE A 190 -1.04 9.41 2.50
C ILE A 190 -0.58 8.11 1.89
N ARG A 191 -1.39 7.07 2.03
CA ARG A 191 -1.08 5.73 1.51
C ARG A 191 -2.20 5.26 0.61
N SER A 192 -1.89 4.28 -0.26
CA SER A 192 -2.83 3.74 -1.24
C SER A 192 -2.52 2.27 -1.48
N VAL A 193 -3.35 1.34 -0.96
CA VAL A 193 -3.07 -0.08 -1.21
CA VAL A 193 -3.17 -0.09 -1.09
C VAL A 193 -3.94 -0.59 -2.37
N GLY A 194 -4.92 0.18 -2.84
CA GLY A 194 -5.67 -0.18 -4.05
C GLY A 194 -6.95 -0.93 -3.89
N THR A 195 -7.52 -0.99 -2.69
CA THR A 195 -8.84 -1.57 -2.50
C THR A 195 -9.56 -0.79 -1.42
N ALA A 196 -10.80 -0.42 -1.67
CA ALA A 196 -11.55 0.35 -0.70
C ALA A 196 -11.74 -0.44 0.56
N ALA A 197 -12.11 -1.71 0.43
CA ALA A 197 -12.39 -2.50 1.61
C ALA A 197 -11.16 -2.70 2.46
N VAL A 198 -9.98 -2.95 1.87
CA VAL A 198 -8.78 -3.12 2.68
C VAL A 198 -8.33 -1.78 3.25
N ASN A 199 -8.44 -0.70 2.50
CA ASN A 199 -8.11 0.63 3.05
C ASN A 199 -8.92 0.90 4.30
N MET A 200 -10.21 0.58 4.28
CA MET A 200 -11.09 0.79 5.42
C MET A 200 -10.72 -0.13 6.56
N CYS A 201 -10.41 -1.38 6.24
CA CYS A 201 -9.98 -2.30 7.31
C CYS A 201 -8.68 -1.83 7.94
N LEU A 202 -7.78 -1.18 7.20
CA LEU A 202 -6.58 -0.65 7.81
C LEU A 202 -6.91 0.47 8.81
N VAL A 203 -7.95 1.27 8.55
CA VAL A 203 -8.39 2.24 9.54
C VAL A 203 -8.95 1.49 10.77
N ALA A 204 -9.72 0.42 10.56
CA ALA A 204 -10.26 -0.33 11.70
C ALA A 204 -9.17 -0.85 12.61
N THR A 205 -8.03 -1.26 12.03
CA THR A 205 -6.94 -1.78 12.82
C THR A 205 -6.18 -0.72 13.60
N GLY A 206 -6.29 0.54 13.18
CA GLY A 206 -5.51 1.61 13.79
C GLY A 206 -4.22 1.91 13.03
N GLY A 207 -3.87 1.10 12.04
CA GLY A 207 -2.67 1.31 11.22
C GLY A 207 -2.73 2.56 10.35
N ALA A 208 -3.93 3.03 10.01
CA ALA A 208 -4.15 4.32 9.41
C ALA A 208 -5.19 5.02 10.23
N ASP A 209 -5.24 6.35 10.17
CA ASP A 209 -6.17 7.10 11.00
C ASP A 209 -7.48 7.41 10.29
N ALA A 210 -7.48 7.49 8.96
CA ALA A 210 -8.71 7.73 8.23
C ALA A 210 -8.54 7.44 6.76
N TYR A 211 -9.64 7.13 6.11
CA TYR A 211 -9.76 6.87 4.68
C TYR A 211 -10.81 7.80 4.13
N TYR A 212 -10.61 8.29 2.92
CA TYR A 212 -11.68 9.00 2.21
C TYR A 212 -11.60 8.64 0.74
N GLU A 213 -12.75 8.66 0.09
CA GLU A 213 -12.77 8.50 -1.36
C GLU A 213 -14.11 8.93 -1.89
N MET A 214 -14.09 9.53 -3.09
CA MET A 214 -15.29 9.82 -3.85
C MET A 214 -15.27 8.99 -5.08
N GLY A 215 -16.34 8.24 -5.35
CA GLY A 215 -16.43 7.40 -6.53
C GLY A 215 -16.63 5.94 -6.21
N ILE A 216 -16.53 5.55 -4.95
CA ILE A 216 -16.80 4.18 -4.53
C ILE A 216 -18.25 3.82 -4.83
N HIS A 217 -18.56 2.53 -4.77
CA HIS A 217 -19.92 2.02 -4.92
C HIS A 217 -20.36 1.36 -3.62
N CYS A 218 -21.66 1.08 -3.51
CA CYS A 218 -22.17 0.51 -2.27
C CYS A 218 -21.46 -0.79 -1.87
N TRP A 219 -21.12 -1.63 -2.83
CA TRP A 219 -20.48 -2.90 -2.53
C TRP A 219 -19.02 -2.73 -2.12
N ASP A 220 -18.45 -1.56 -2.33
CA ASP A 220 -17.08 -1.28 -1.89
C ASP A 220 -17.00 -0.99 -0.41
N VAL A 221 -18.08 -0.47 0.16
CA VAL A 221 -18.08 0.02 1.53
C VAL A 221 -19.03 -0.75 2.46
N ALA A 222 -19.91 -1.60 1.92
CA ALA A 222 -20.90 -2.25 2.75
C ALA A 222 -20.32 -3.25 3.73
N GLY A 223 -19.25 -3.95 3.36
CA GLY A 223 -18.65 -4.90 4.26
C GLY A 223 -17.77 -4.23 5.29
N ALA A 224 -16.95 -3.28 4.84
CA ALA A 224 -15.94 -2.71 5.73
C ALA A 224 -16.43 -1.60 6.63
N GLY A 225 -17.52 -0.93 6.30
CA GLY A 225 -17.99 0.17 7.12
C GLY A 225 -18.28 -0.20 8.57
N ILE A 226 -18.98 -1.32 8.75
CA ILE A 226 -19.30 -1.82 10.08
C ILE A 226 -18.05 -2.32 10.79
N ILE A 227 -17.03 -2.75 10.06
CA ILE A 227 -15.77 -3.18 10.68
C ILE A 227 -15.12 -1.93 11.30
N VAL A 228 -15.15 -0.81 10.56
CA VAL A 228 -14.62 0.44 11.12
C VAL A 228 -15.42 0.87 12.34
N THR A 229 -16.77 0.88 12.26
CA THR A 229 -17.53 1.38 13.40
C THR A 229 -17.48 0.45 14.59
N GLU A 230 -17.43 -0.86 14.39
CA GLU A 230 -17.31 -1.77 15.54
C GLU A 230 -15.91 -1.73 16.13
N ALA A 231 -14.90 -1.19 15.42
CA ALA A 231 -13.57 -0.93 15.96
C ALA A 231 -13.51 0.41 16.69
N GLY A 232 -14.62 1.15 16.73
CA GLY A 232 -14.70 2.42 17.44
C GLY A 232 -14.67 3.65 16.56
N GLY A 233 -14.65 3.45 15.24
CA GLY A 233 -14.59 4.54 14.28
C GLY A 233 -15.92 5.09 13.87
N VAL A 234 -15.89 5.97 12.86
CA VAL A 234 -17.07 6.67 12.36
CA VAL A 234 -17.06 6.67 12.37
C VAL A 234 -17.06 6.67 10.85
N LEU A 235 -18.25 6.73 10.27
CA LEU A 235 -18.46 6.89 8.84
C LEU A 235 -19.20 8.17 8.66
N MET A 236 -18.89 8.90 7.60
CA MET A 236 -19.67 10.07 7.23
C MET A 236 -19.47 10.33 5.76
N ASP A 237 -20.29 11.23 5.22
CA ASP A 237 -20.12 11.67 3.85
C ASP A 237 -18.94 12.65 3.85
N VAL A 238 -18.33 12.87 2.69
CA VAL A 238 -17.23 13.83 2.57
C VAL A 238 -17.70 15.28 2.83
N THR A 239 -19.00 15.52 2.88
CA THR A 239 -19.56 16.83 3.30
C THR A 239 -19.61 16.98 4.84
N GLY A 240 -19.48 15.90 5.58
CA GLY A 240 -19.64 15.89 7.02
C GLY A 240 -21.03 15.41 7.40
N GLY A 241 -21.91 15.32 6.40
CA GLY A 241 -23.26 14.82 6.59
C GLY A 241 -23.31 13.33 6.78
N PRO A 242 -24.48 12.77 7.09
CA PRO A 242 -24.54 11.33 7.38
C PRO A 242 -24.09 10.44 6.22
N PHE A 243 -23.38 9.36 6.56
CA PHE A 243 -22.98 8.38 5.56
C PHE A 243 -24.18 7.75 4.88
N ASP A 244 -24.07 7.56 3.57
CA ASP A 244 -25.12 6.94 2.78
C ASP A 244 -24.45 5.97 1.81
N LEU A 245 -24.76 4.67 1.98
CA LEU A 245 -24.19 3.59 1.16
C LEU A 245 -24.25 3.81 -0.33
N MET A 246 -25.27 4.53 -0.83
CA MET A 246 -25.51 4.71 -2.26
C MET A 246 -25.00 6.03 -2.82
N SER A 247 -24.36 6.87 -2.00
CA SER A 247 -23.97 8.21 -2.39
C SER A 247 -22.66 8.35 -3.14
N ARG A 248 -21.89 7.24 -3.24
CA ARG A 248 -20.60 7.22 -3.91
C ARG A 248 -19.50 7.90 -3.11
N ARG A 249 -19.75 8.32 -1.87
CA ARG A 249 -18.74 9.07 -1.14
C ARG A 249 -18.60 8.58 0.27
N VAL A 250 -17.35 8.59 0.79
CA VAL A 250 -17.16 8.16 2.17
C VAL A 250 -15.92 8.77 2.81
N ILE A 251 -16.04 9.02 4.11
CA ILE A 251 -14.95 9.20 5.03
C ILE A 251 -15.15 8.11 6.06
N ALA A 252 -14.13 7.27 6.28
CA ALA A 252 -14.13 6.24 7.33
C ALA A 252 -12.96 6.61 8.21
N ALA A 253 -13.22 7.08 9.45
CA ALA A 253 -12.17 7.59 10.30
C ALA A 253 -12.20 7.00 11.67
N ASN A 254 -11.08 7.16 12.38
CA ASN A 254 -11.00 6.77 13.76
C ASN A 254 -12.03 7.57 14.61
N ASN A 255 -12.24 8.85 14.32
CA ASN A 255 -13.16 9.67 15.13
C ASN A 255 -13.68 10.85 14.33
N ARG A 256 -14.70 11.51 14.90
CA ARG A 256 -15.37 12.64 14.24
C ARG A 256 -14.48 13.87 14.11
N ILE A 257 -13.51 14.05 14.99
CA ILE A 257 -12.62 15.21 14.88
C ILE A 257 -11.82 15.13 13.60
N LEU A 258 -11.13 14.01 13.35
CA LEU A 258 -10.38 13.90 12.10
C LEU A 258 -11.32 13.92 10.92
N ALA A 259 -12.47 13.20 11.01
CA ALA A 259 -13.36 13.11 9.87
C ALA A 259 -13.86 14.47 9.44
N GLU A 260 -14.30 15.30 10.40
CA GLU A 260 -14.82 16.64 10.04
C GLU A 260 -13.70 17.53 9.50
N ARG A 261 -12.46 17.36 9.99
CA ARG A 261 -11.34 18.16 9.51
C ARG A 261 -11.02 17.82 8.07
N ILE A 262 -11.15 16.53 7.71
CA ILE A 262 -10.91 16.08 6.33
C ILE A 262 -12.00 16.63 5.42
N ALA A 263 -13.27 16.55 5.88
CA ALA A 263 -14.39 17.03 5.09
C ALA A 263 -14.23 18.50 4.70
N LYS A 264 -13.62 19.32 5.57
CA LYS A 264 -13.37 20.75 5.35
C LYS A 264 -12.40 21.02 4.17
N GLU A 265 -11.59 20.02 3.76
CA GLU A 265 -10.69 20.16 2.63
C GLU A 265 -11.19 19.53 1.37
N ILE A 266 -12.23 18.72 1.43
CA ILE A 266 -12.62 17.99 0.23
C ILE A 266 -13.60 18.80 -0.57
N GLN A 267 -13.24 19.15 -1.80
CA GLN A 267 -14.21 19.73 -2.71
C GLN A 267 -14.84 18.53 -3.44
N VAL A 268 -16.16 18.47 -3.45
CA VAL A 268 -16.89 17.34 -3.97
C VAL A 268 -16.94 17.32 -5.49
N ILE A 269 -16.83 16.11 -6.08
CA ILE A 269 -16.99 15.90 -7.50
C ILE A 269 -18.40 15.35 -7.75
N PRO A 270 -19.06 15.74 -8.86
CA PRO A 270 -20.40 15.22 -9.15
C PRO A 270 -20.36 13.75 -9.52
N LEU A 271 -21.32 12.96 -8.98
CA LEU A 271 -21.33 11.52 -9.17
C LEU A 271 -22.72 10.96 -9.24
N GLN A 272 -22.92 9.97 -10.10
CA GLN A 272 -24.19 9.26 -10.24
C GLN A 272 -24.39 8.33 -9.04
N ARG A 273 -25.48 8.51 -8.31
CA ARG A 273 -25.81 7.65 -7.17
C ARG A 273 -26.05 6.23 -7.62
N ASP A 274 -25.78 5.25 -6.75
CA ASP A 274 -26.00 3.86 -7.12
C ASP A 274 -27.48 3.46 -7.11
N ASP A 275 -28.33 4.25 -6.43
CA ASP A 275 -29.77 3.99 -6.26
C ASP A 275 -30.61 4.82 -7.25
N GLU A 276 -29.99 5.36 -8.32
CA GLU A 276 -30.70 6.16 -9.33
C GLU A 276 -30.20 5.83 -10.72
N ASP A 277 -31.05 6.09 -11.75
CA ASP A 277 -30.68 5.92 -13.15
C ASP A 277 -30.12 7.23 -13.70
N ASP B 3 33.24 -17.86 -3.51
CA ASP B 3 32.64 -16.53 -3.40
C ASP B 3 33.19 -15.82 -2.16
N PRO B 4 33.92 -14.68 -2.32
CA PRO B 4 34.50 -14.01 -1.14
C PRO B 4 33.52 -13.14 -0.34
N TRP B 5 32.30 -12.86 -0.86
CA TRP B 5 31.30 -12.01 -0.18
C TRP B 5 30.04 -12.79 0.24
N GLN B 6 29.97 -14.12 -0.02
CA GLN B 6 28.80 -14.89 0.40
C GLN B 6 28.71 -14.97 1.94
N GLU B 7 29.87 -15.07 2.64
CA GLU B 7 29.88 -15.11 4.10
C GLU B 7 29.31 -13.81 4.69
N CYS B 8 29.68 -12.63 4.10
CA CYS B 8 29.14 -11.33 4.52
C CYS B 8 27.65 -11.32 4.31
N MET B 9 27.18 -11.83 3.16
CA MET B 9 25.74 -11.86 2.87
C MET B 9 25.01 -12.75 3.85
N ASP B 10 25.53 -13.95 4.12
CA ASP B 10 24.85 -14.86 5.06
C ASP B 10 24.72 -14.19 6.43
N TYR B 11 25.76 -13.48 6.85
CA TYR B 11 25.76 -12.79 8.12
C TYR B 11 24.76 -11.63 8.07
N ALA B 12 24.72 -10.89 6.95
CA ALA B 12 23.75 -9.79 6.78
C ALA B 12 22.32 -10.27 6.95
N VAL B 13 21.98 -11.43 6.38
CA VAL B 13 20.63 -11.96 6.50
C VAL B 13 20.33 -12.23 7.97
N THR B 14 21.28 -12.86 8.72
CA THR B 14 21.09 -13.14 10.13
CA THR B 14 20.99 -13.13 10.12
C THR B 14 20.82 -11.83 10.91
N LEU B 15 21.63 -10.79 10.62
CA LEU B 15 21.49 -9.50 11.31
C LEU B 15 20.18 -8.83 10.94
N ALA B 16 19.80 -8.87 9.65
CA ALA B 16 18.53 -8.25 9.24
C ALA B 16 17.35 -8.90 9.95
N ARG B 17 17.38 -10.25 10.10
CA ARG B 17 16.27 -10.93 10.78
CA ARG B 17 16.30 -10.96 10.79
C ARG B 17 16.24 -10.56 12.27
N GLN B 18 17.41 -10.47 12.90
CA GLN B 18 17.50 -10.09 14.31
C GLN B 18 16.93 -8.66 14.49
N ALA B 19 17.37 -7.73 13.63
CA ALA B 19 16.86 -6.35 13.66
C ALA B 19 15.37 -6.33 13.42
N GLY B 20 14.91 -7.13 12.47
CA GLY B 20 13.48 -7.20 12.17
C GLY B 20 12.63 -7.66 13.33
N GLU B 21 13.13 -8.61 14.11
CA GLU B 21 12.41 -9.08 15.28
C GLU B 21 12.30 -7.94 16.32
N VAL B 22 13.38 -7.16 16.48
CA VAL B 22 13.35 -6.00 17.36
C VAL B 22 12.28 -5.00 16.87
N VAL B 23 12.24 -4.72 15.56
CA VAL B 23 11.27 -3.79 15.00
C VAL B 23 9.83 -4.29 15.20
N CYS B 24 9.62 -5.59 14.93
CA CYS B 24 8.31 -6.23 15.12
CA CYS B 24 8.29 -6.19 15.02
C CYS B 24 7.79 -6.10 16.50
N GLU B 25 8.65 -6.31 17.48
CA GLU B 25 8.23 -6.20 18.86
C GLU B 25 7.96 -4.73 19.20
N ALA B 26 8.82 -3.83 18.72
CA ALA B 26 8.68 -2.41 19.07
C ALA B 26 7.43 -1.76 18.43
N ILE B 27 6.99 -2.22 17.25
CA ILE B 27 5.83 -1.61 16.59
C ILE B 27 4.54 -1.84 17.38
N LYS B 28 4.52 -2.84 18.29
CA LYS B 28 3.35 -3.12 19.11
C LYS B 28 3.37 -2.35 20.42
N ASN B 29 4.47 -1.64 20.73
CA ASN B 29 4.66 -1.00 22.02
C ASN B 29 4.66 0.49 21.92
N GLU B 30 4.65 1.15 23.09
CA GLU B 30 4.70 2.59 23.18
C GLU B 30 6.00 3.05 22.55
N MET B 31 5.97 4.25 21.96
CA MET B 31 7.13 4.82 21.29
CA MET B 31 7.09 4.83 21.25
C MET B 31 7.44 6.22 21.74
N ASN B 32 8.68 6.64 21.49
CA ASN B 32 9.13 8.00 21.66
C ASN B 32 9.31 8.50 20.21
N VAL B 33 8.36 9.27 19.68
CA VAL B 33 8.40 9.73 18.30
C VAL B 33 9.10 11.08 18.27
N MET B 34 10.21 11.16 17.57
CA MET B 34 11.05 12.36 17.51
CA MET B 34 10.99 12.39 17.52
C MET B 34 11.08 12.94 16.11
N LEU B 35 11.45 14.18 16.02
CA LEU B 35 11.57 14.90 14.78
C LEU B 35 13.00 15.03 14.40
N LYS B 36 13.26 15.04 13.09
CA LYS B 36 14.58 15.30 12.57
C LYS B 36 14.54 16.68 11.89
N SER B 37 14.42 16.80 10.58
CA SER B 37 14.49 18.09 9.90
C SER B 37 13.19 18.86 9.86
N SER B 38 12.08 18.26 10.24
CA SER B 38 10.77 18.87 10.19
C SER B 38 9.78 18.05 10.98
N PRO B 39 8.54 18.55 11.12
CA PRO B 39 7.52 17.76 11.81
C PRO B 39 7.06 16.52 11.04
N VAL B 40 7.47 16.31 9.78
CA VAL B 40 7.03 15.11 9.06
C VAL B 40 8.23 14.23 8.72
N ASP B 41 9.41 14.47 9.32
CA ASP B 41 10.62 13.69 9.13
C ASP B 41 10.89 13.03 10.47
N LEU B 42 10.37 11.80 10.64
CA LEU B 42 10.31 11.18 11.95
C LEU B 42 11.36 10.12 12.21
N VAL B 43 11.57 9.87 13.51
CA VAL B 43 12.48 8.82 13.95
C VAL B 43 12.04 8.39 15.34
N THR B 44 12.35 7.16 15.71
CA THR B 44 12.08 6.66 17.06
C THR B 44 13.38 6.15 17.66
N ALA B 45 13.30 5.78 18.95
CA ALA B 45 14.47 5.21 19.57
C ALA B 45 14.84 3.86 18.97
N THR B 46 13.88 3.16 18.36
CA THR B 46 14.14 1.86 17.78
C THR B 46 15.08 1.97 16.59
N ASP B 47 14.92 3.03 15.77
CA ASP B 47 15.81 3.20 14.63
C ASP B 47 17.27 3.27 15.07
N GLN B 48 17.48 4.07 16.10
CA GLN B 48 18.78 4.39 16.63
C GLN B 48 19.39 3.13 17.28
N LYS B 49 18.59 2.38 18.01
CA LYS B 49 19.02 1.14 18.66
C LYS B 49 19.40 0.09 17.62
N VAL B 50 18.55 -0.07 16.61
CA VAL B 50 18.80 -1.07 15.58
C VAL B 50 20.05 -0.73 14.79
N GLU B 51 20.21 0.54 14.41
CA GLU B 51 21.38 0.87 13.64
C GLU B 51 22.67 0.65 14.43
N LYS B 52 22.66 1.01 15.72
CA LYS B 52 23.86 0.82 16.56
C LYS B 52 24.17 -0.69 16.69
N MET B 53 23.13 -1.53 16.84
CA MET B 53 23.33 -2.98 16.91
C MET B 53 23.95 -3.50 15.61
N LEU B 54 23.39 -3.09 14.46
CA LEU B 54 23.90 -3.57 13.18
C LEU B 54 25.33 -3.17 12.95
N ILE B 55 25.64 -1.89 13.14
CA ILE B 55 27.00 -1.40 12.87
C ILE B 55 27.98 -2.02 13.88
N SER B 56 27.64 -2.11 15.17
CA SER B 56 28.58 -2.74 16.12
C SER B 56 28.80 -4.21 15.79
N SER B 57 27.74 -4.93 15.36
CA SER B 57 27.85 -6.34 15.01
C SER B 57 28.73 -6.56 13.78
N ILE B 58 28.56 -5.72 12.74
CA ILE B 58 29.36 -5.82 11.54
C ILE B 58 30.82 -5.44 11.84
N LYS B 59 31.03 -4.39 12.64
CA LYS B 59 32.39 -3.93 12.99
C LYS B 59 33.20 -5.03 13.70
N GLU B 60 32.56 -5.80 14.59
CA GLU B 60 33.25 -6.88 15.32
C GLU B 60 33.73 -7.97 14.35
N LYS B 61 32.89 -8.39 13.39
CA LYS B 61 33.23 -9.43 12.43
C LYS B 61 34.09 -8.94 11.26
N TYR B 62 33.89 -7.69 10.79
CA TYR B 62 34.60 -7.09 9.64
C TYR B 62 35.12 -5.71 10.03
N PRO B 63 36.17 -5.65 10.87
CA PRO B 63 36.64 -4.35 11.37
C PRO B 63 37.20 -3.39 10.33
N SER B 64 37.60 -3.86 9.13
CA SER B 64 38.13 -2.96 8.12
C SER B 64 37.05 -2.34 7.23
N HIS B 65 35.80 -2.79 7.37
CA HIS B 65 34.73 -2.32 6.48
C HIS B 65 34.21 -0.94 6.88
N SER B 66 33.59 -0.25 5.91
CA SER B 66 33.02 1.07 6.08
C SER B 66 31.49 0.99 6.19
N PHE B 67 30.90 2.12 6.60
CA PHE B 67 29.46 2.24 6.81
C PHE B 67 28.88 3.51 6.30
N ILE B 68 27.63 3.43 5.82
CA ILE B 68 26.78 4.57 5.55
C ILE B 68 25.46 4.19 6.17
N GLY B 69 25.09 4.76 7.29
CA GLY B 69 23.88 4.42 8.00
C GLY B 69 23.04 5.66 8.12
N GLU B 70 21.73 5.56 7.86
CA GLU B 70 20.87 6.73 7.94
C GLU B 70 21.01 7.53 9.24
N GLU B 71 20.83 6.87 10.39
CA GLU B 71 20.78 7.61 11.64
C GLU B 71 22.17 8.04 12.08
N SER B 72 23.19 7.38 11.57
CA SER B 72 24.58 7.79 11.87
C SER B 72 24.92 9.05 11.09
N VAL B 73 24.34 9.23 9.90
CA VAL B 73 24.53 10.43 9.08
C VAL B 73 23.84 11.57 9.81
N ALA B 74 22.62 11.32 10.32
CA ALA B 74 21.91 12.31 11.13
C ALA B 74 22.77 12.74 12.34
N ALA B 75 23.60 11.82 12.89
CA ALA B 75 24.50 12.10 14.01
C ALA B 75 25.87 12.68 13.57
N GLY B 76 26.03 13.04 12.28
CA GLY B 76 27.23 13.70 11.78
C GLY B 76 28.16 12.91 10.86
N GLU B 77 27.91 11.60 10.64
CA GLU B 77 28.78 10.80 9.76
C GLU B 77 28.57 11.19 8.30
N LYS B 78 29.60 10.99 7.47
CA LYS B 78 29.55 11.38 6.07
C LYS B 78 28.95 10.31 5.18
N SER B 79 28.21 10.76 4.15
CA SER B 79 27.66 9.90 3.12
C SER B 79 28.57 10.02 1.89
N ILE B 80 29.74 9.40 2.00
N ILE B 80 29.75 9.40 2.00
CA ILE B 80 30.72 9.31 0.93
CA ILE B 80 30.76 9.32 0.93
C ILE B 80 30.94 7.81 0.70
C ILE B 80 31.02 7.85 0.70
N LEU B 81 30.81 7.36 -0.54
CA LEU B 81 31.00 5.96 -0.86
C LEU B 81 32.37 5.81 -1.48
N THR B 82 33.26 5.06 -0.81
CA THR B 82 34.60 4.76 -1.32
C THR B 82 34.58 3.37 -1.92
N ASP B 83 35.73 2.90 -2.42
CA ASP B 83 35.86 1.56 -2.96
C ASP B 83 35.91 0.49 -1.87
N ASN B 84 36.18 0.88 -0.63
CA ASN B 84 36.28 -0.06 0.47
C ASN B 84 34.95 -0.82 0.66
N PRO B 85 34.93 -2.10 1.08
CA PRO B 85 33.63 -2.76 1.31
C PRO B 85 32.81 -1.93 2.29
N THR B 86 31.59 -1.55 1.87
CA THR B 86 30.73 -0.63 2.62
C THR B 86 29.33 -1.17 2.81
N TRP B 87 28.84 -1.06 4.05
CA TRP B 87 27.50 -1.49 4.44
C TRP B 87 26.65 -0.26 4.48
N ILE B 88 25.60 -0.22 3.63
CA ILE B 88 24.69 0.92 3.49
C ILE B 88 23.40 0.49 4.15
N ILE B 89 23.09 1.06 5.31
CA ILE B 89 22.04 0.59 6.18
CA ILE B 89 22.03 0.60 6.18
C ILE B 89 20.92 1.57 6.41
N ASP B 90 19.66 1.06 6.37
CA ASP B 90 18.47 1.81 6.79
C ASP B 90 17.87 0.94 7.87
N PRO B 91 17.99 1.32 9.14
CA PRO B 91 17.53 0.41 10.21
C PRO B 91 16.02 0.19 10.19
N ILE B 92 15.26 1.22 9.84
CA ILE B 92 13.83 1.16 9.65
C ILE B 92 13.52 2.00 8.47
N ASP B 93 13.16 1.39 7.33
CA ASP B 93 12.67 2.11 6.15
C ASP B 93 11.14 2.07 6.31
N GLY B 94 10.52 3.24 6.37
CA GLY B 94 9.12 3.38 6.67
C GLY B 94 8.92 3.85 8.10
N THR B 95 9.64 4.88 8.55
CA THR B 95 9.47 5.39 9.91
C THR B 95 8.08 5.97 10.14
N THR B 96 7.51 6.68 9.16
CA THR B 96 6.13 7.19 9.35
C THR B 96 5.17 6.01 9.53
N ASN B 97 5.31 4.97 8.68
CA ASN B 97 4.48 3.79 8.84
C ASN B 97 4.67 3.16 10.23
N PHE B 98 5.93 3.06 10.67
CA PHE B 98 6.23 2.43 11.96
C PHE B 98 5.50 3.15 13.10
N VAL B 99 5.55 4.51 13.08
CA VAL B 99 4.92 5.34 14.12
C VAL B 99 3.42 5.11 14.16
N HIS B 100 2.83 4.85 12.99
CA HIS B 100 1.40 4.64 12.85
C HIS B 100 0.96 3.18 12.94
N ARG B 101 1.91 2.24 12.99
CA ARG B 101 1.63 0.81 12.98
CA ARG B 101 1.66 0.81 12.99
C ARG B 101 1.06 0.40 11.62
N PHE B 102 1.40 1.15 10.53
CA PHE B 102 0.98 0.82 9.17
C PHE B 102 1.93 -0.31 8.78
N PRO B 103 1.42 -1.49 8.35
CA PRO B 103 2.17 -2.74 8.39
C PRO B 103 3.23 -3.00 7.31
N PHE B 104 3.97 -1.98 6.89
CA PHE B 104 5.02 -2.09 5.90
C PHE B 104 6.20 -1.35 6.40
N VAL B 105 7.15 -2.07 6.98
CA VAL B 105 8.38 -1.49 7.52
CA VAL B 105 8.35 -1.52 7.60
C VAL B 105 9.48 -2.45 7.21
N ALA B 106 10.67 -1.95 6.86
CA ALA B 106 11.74 -2.85 6.47
C ALA B 106 13.08 -2.47 7.02
N VAL B 107 13.93 -3.47 7.22
CA VAL B 107 15.33 -3.28 7.51
C VAL B 107 16.05 -3.45 6.18
N SER B 108 16.92 -2.52 5.77
CA SER B 108 17.60 -2.61 4.49
C SER B 108 19.10 -2.55 4.66
N ILE B 109 19.79 -3.49 4.02
CA ILE B 109 21.25 -3.55 4.03
C ILE B 109 21.75 -3.75 2.60
N GLY B 110 22.51 -2.80 2.08
CA GLY B 110 23.19 -2.96 0.80
C GLY B 110 24.67 -3.02 1.07
N PHE B 111 25.40 -3.82 0.27
CA PHE B 111 26.84 -4.01 0.47
C PHE B 111 27.54 -3.69 -0.82
N ALA B 112 28.40 -2.66 -0.81
CA ALA B 112 29.10 -2.18 -2.00
C ALA B 112 30.60 -2.44 -1.91
N VAL B 113 31.20 -2.84 -3.04
CA VAL B 113 32.66 -3.05 -3.18
C VAL B 113 33.03 -2.32 -4.45
N ASN B 114 34.08 -1.48 -4.41
CA ASN B 114 34.47 -0.68 -5.57
C ASN B 114 33.27 0.17 -6.07
N LYS B 115 32.44 0.69 -5.15
CA LYS B 115 31.28 1.55 -5.39
C LYS B 115 30.13 0.82 -6.11
N LYS B 116 30.20 -0.50 -6.25
CA LYS B 116 29.14 -1.28 -6.92
C LYS B 116 28.48 -2.20 -5.91
N ILE B 117 27.14 -2.27 -5.91
CA ILE B 117 26.41 -3.14 -4.99
C ILE B 117 26.64 -4.62 -5.35
N GLU B 118 27.11 -5.40 -4.37
CA GLU B 118 27.36 -6.83 -4.53
C GLU B 118 26.23 -7.69 -3.99
N PHE B 119 25.55 -7.22 -2.94
CA PHE B 119 24.40 -7.94 -2.41
C PHE B 119 23.49 -6.96 -1.71
N GLY B 120 22.24 -7.37 -1.59
CA GLY B 120 21.23 -6.60 -0.88
C GLY B 120 20.33 -7.51 -0.09
N VAL B 121 19.88 -7.03 1.07
CA VAL B 121 18.96 -7.70 1.97
C VAL B 121 17.90 -6.69 2.39
N VAL B 122 16.63 -7.01 2.21
CA VAL B 122 15.53 -6.17 2.67
C VAL B 122 14.58 -7.08 3.40
N TYR B 123 14.38 -6.85 4.72
CA TYR B 123 13.47 -7.65 5.50
C TYR B 123 12.25 -6.84 5.83
N SER B 124 11.10 -7.19 5.23
CA SER B 124 9.82 -6.54 5.50
C SER B 124 9.35 -7.26 6.78
N CYS B 125 9.50 -6.55 7.91
N CYS B 125 9.60 -6.71 7.95
CA CYS B 125 9.40 -7.04 9.28
CA CYS B 125 9.47 -7.48 9.19
C CYS B 125 8.04 -7.63 9.63
C CYS B 125 8.07 -7.60 9.83
N VAL B 126 7.01 -6.87 9.43
CA VAL B 126 5.67 -7.21 9.90
C VAL B 126 5.13 -8.33 9.01
N GLU B 127 5.44 -8.28 7.70
CA GLU B 127 5.04 -9.34 6.77
C GLU B 127 5.83 -10.64 6.96
N GLY B 128 7.05 -10.55 7.47
CA GLY B 128 7.94 -11.70 7.61
C GLY B 128 8.51 -12.13 6.28
N LYS B 129 8.83 -11.16 5.39
CA LYS B 129 9.33 -11.44 4.06
C LYS B 129 10.78 -10.99 3.94
N MET B 130 11.69 -11.93 3.77
CA MET B 130 13.11 -11.71 3.62
C MET B 130 13.49 -11.73 2.16
N TYR B 131 13.78 -10.54 1.61
CA TYR B 131 14.19 -10.38 0.24
C TYR B 131 15.69 -10.34 0.17
N THR B 132 16.30 -11.09 -0.74
CA THR B 132 17.74 -11.12 -0.87
C THR B 132 18.17 -11.25 -2.31
N ALA B 133 19.38 -10.76 -2.60
CA ALA B 133 19.99 -10.94 -3.90
C ALA B 133 21.47 -10.73 -3.82
N ARG B 134 22.22 -11.60 -4.51
CA ARG B 134 23.67 -11.52 -4.69
C ARG B 134 23.89 -11.31 -6.17
N LYS B 135 24.77 -10.40 -6.56
CA LYS B 135 25.07 -10.13 -7.96
C LYS B 135 25.38 -11.45 -8.70
N GLY B 136 24.69 -11.66 -9.82
CA GLY B 136 24.84 -12.85 -10.65
C GLY B 136 24.15 -14.12 -10.17
N LYS B 137 23.47 -14.10 -8.99
CA LYS B 137 22.86 -15.28 -8.37
C LYS B 137 21.33 -15.27 -8.26
N GLY B 138 20.67 -14.20 -8.71
CA GLY B 138 19.20 -14.15 -8.65
C GLY B 138 18.72 -13.48 -7.38
N ALA B 139 17.41 -13.20 -7.37
CA ALA B 139 16.71 -12.56 -6.26
C ALA B 139 15.68 -13.49 -5.71
N PHE B 140 15.50 -13.45 -4.40
CA PHE B 140 14.65 -14.36 -3.68
C PHE B 140 13.83 -13.67 -2.62
N CYS B 141 12.66 -14.24 -2.32
CA CYS B 141 11.85 -13.84 -1.18
C CYS B 141 11.53 -15.09 -0.41
N ASN B 142 12.03 -15.23 0.82
CA ASN B 142 11.80 -16.44 1.64
C ASN B 142 12.15 -17.71 0.83
N GLY B 143 13.31 -17.66 0.19
CA GLY B 143 13.83 -18.78 -0.58
C GLY B 143 13.22 -19.05 -1.93
N GLN B 144 12.20 -18.24 -2.37
CA GLN B 144 11.53 -18.42 -3.65
CA GLN B 144 11.54 -18.42 -3.66
C GLN B 144 12.06 -17.40 -4.65
N LYS B 145 12.46 -17.86 -5.85
CA LYS B 145 13.03 -17.00 -6.85
C LYS B 145 12.04 -15.99 -7.39
N LEU B 146 12.53 -14.72 -7.53
CA LEU B 146 11.71 -13.63 -8.05
C LEU B 146 11.97 -13.34 -9.50
N GLN B 147 10.93 -12.84 -10.16
CA GLN B 147 11.02 -12.39 -11.54
C GLN B 147 10.08 -11.20 -11.73
N VAL B 148 10.61 -10.14 -12.30
CA VAL B 148 9.81 -8.97 -12.64
C VAL B 148 8.74 -9.34 -13.66
N SER B 149 7.74 -8.49 -13.78
CA SER B 149 6.68 -8.72 -14.76
C SER B 149 7.19 -8.50 -16.17
N GLN B 150 6.39 -8.96 -17.13
CA GLN B 150 6.76 -8.83 -18.56
C GLN B 150 6.21 -7.57 -19.20
N GLN B 151 5.30 -6.83 -18.54
CA GLN B 151 4.56 -5.75 -19.18
C GLN B 151 5.42 -4.67 -19.84
N GLU B 152 5.20 -4.45 -21.16
CA GLU B 152 5.92 -3.39 -21.89
C GLU B 152 5.00 -2.27 -22.34
N ASP B 153 3.68 -2.39 -22.10
CA ASP B 153 2.73 -1.35 -22.45
C ASP B 153 2.45 -0.51 -21.22
N ILE B 154 2.88 0.73 -21.23
CA ILE B 154 2.70 1.63 -20.10
C ILE B 154 1.21 1.78 -19.74
N THR B 155 0.31 1.67 -20.72
CA THR B 155 -1.11 1.87 -20.44
C THR B 155 -1.72 0.68 -19.70
N LYS B 156 -0.97 -0.41 -19.53
CA LYS B 156 -1.41 -1.59 -18.81
C LYS B 156 -0.51 -1.84 -17.62
N SER B 157 0.17 -0.78 -17.13
CA SER B 157 1.14 -0.86 -16.04
CA SER B 157 1.12 -0.90 -16.04
C SER B 157 0.58 -0.34 -14.72
N LEU B 158 1.13 -0.84 -13.63
CA LEU B 158 0.80 -0.43 -12.27
C LEU B 158 2.08 0.13 -11.67
N LEU B 159 2.02 1.41 -11.27
CA LEU B 159 3.22 2.05 -10.71
C LEU B 159 3.13 2.19 -9.23
N VAL B 160 4.29 2.34 -8.60
CA VAL B 160 4.39 2.65 -7.17
CA VAL B 160 4.40 2.66 -7.19
C VAL B 160 5.22 3.94 -7.03
N THR B 161 4.79 4.84 -6.14
CA THR B 161 5.54 6.07 -5.87
C THR B 161 5.05 6.60 -4.56
N GLU B 162 5.70 7.67 -4.07
CA GLU B 162 5.34 8.28 -2.79
C GLU B 162 5.39 9.77 -2.92
N LEU B 163 4.65 10.46 -2.05
CA LEU B 163 4.54 11.92 -2.11
C LEU B 163 5.77 12.66 -1.61
N GLY B 164 6.55 12.07 -0.72
CA GLY B 164 7.78 12.68 -0.27
C GLY B 164 7.70 13.35 1.08
N SER B 165 8.87 13.72 1.62
CA SER B 165 8.98 14.36 2.94
CA SER B 165 8.87 14.33 2.95
C SER B 165 8.82 15.86 2.88
N SER B 166 8.86 16.47 1.71
CA SER B 166 8.69 17.91 1.65
C SER B 166 7.21 18.30 1.74
N ARG B 167 6.94 19.47 2.31
CA ARG B 167 5.62 20.09 2.29
C ARG B 167 5.76 21.49 1.64
N THR B 168 6.90 21.77 0.96
CA THR B 168 7.10 23.06 0.28
C THR B 168 6.11 23.11 -0.86
N PRO B 169 5.27 24.14 -0.95
CA PRO B 169 4.22 24.15 -1.98
C PRO B 169 4.70 23.92 -3.41
N GLU B 170 5.79 24.55 -3.82
CA GLU B 170 6.28 24.38 -5.19
C GLU B 170 6.71 22.93 -5.43
N THR B 171 7.29 22.28 -4.41
CA THR B 171 7.76 20.91 -4.55
C THR B 171 6.59 19.95 -4.62
N VAL B 172 5.63 20.11 -3.74
CA VAL B 172 4.45 19.26 -3.71
C VAL B 172 3.71 19.37 -5.05
N ARG B 173 3.58 20.58 -5.58
CA ARG B 173 2.90 20.79 -6.87
CA ARG B 173 2.90 20.78 -6.86
C ARG B 173 3.60 19.99 -7.96
N MET B 174 4.92 19.99 -7.97
CA MET B 174 5.68 19.27 -8.97
C MET B 174 5.54 17.74 -8.81
N VAL B 175 5.53 17.27 -7.56
CA VAL B 175 5.34 15.83 -7.32
C VAL B 175 3.98 15.43 -7.86
N LEU B 176 2.95 16.22 -7.55
CA LEU B 176 1.60 15.88 -8.00
C LEU B 176 1.44 16.07 -9.49
N SER B 177 2.15 17.03 -10.10
CA SER B 177 2.09 17.21 -11.56
C SER B 177 2.70 15.99 -12.25
N ASN B 178 3.82 15.52 -11.77
CA ASN B 178 4.44 14.31 -12.29
C ASN B 178 3.51 13.12 -12.18
N MET B 179 2.85 12.97 -11.04
CA MET B 179 1.90 11.87 -10.85
CA MET B 179 1.89 11.88 -10.87
C MET B 179 0.75 12.01 -11.85
N GLU B 180 0.24 13.22 -12.05
CA GLU B 180 -0.89 13.47 -12.97
C GLU B 180 -0.53 13.08 -14.36
N LYS B 181 0.67 13.45 -14.81
CA LYS B 181 1.10 13.17 -16.18
C LYS B 181 1.16 11.67 -16.41
N LEU B 182 1.74 10.93 -15.45
CA LEU B 182 1.80 9.48 -15.59
C LEU B 182 0.38 8.85 -15.51
N PHE B 183 -0.38 9.27 -14.53
CA PHE B 183 -1.71 8.76 -14.31
C PHE B 183 -2.60 8.88 -15.56
N CYS B 184 -2.45 10.01 -16.28
CA CYS B 184 -3.29 10.32 -17.44
C CYS B 184 -2.70 9.87 -18.78
N ILE B 185 -1.63 9.11 -18.78
CA ILE B 185 -1.14 8.51 -20.04
C ILE B 185 -2.25 7.70 -20.74
N PRO B 186 -3.03 6.85 -20.07
CA PRO B 186 -3.03 6.51 -18.64
C PRO B 186 -2.15 5.33 -18.29
N VAL B 187 -1.94 5.15 -16.99
CA VAL B 187 -1.48 3.91 -16.41
C VAL B 187 -2.72 3.28 -15.72
N HIS B 188 -2.64 2.01 -15.37
CA HIS B 188 -3.74 1.37 -14.65
C HIS B 188 -3.92 1.97 -13.25
N GLY B 189 -2.82 2.33 -12.60
CA GLY B 189 -2.94 2.90 -11.27
C GLY B 189 -1.60 3.22 -10.67
N ILE B 190 -1.66 3.86 -9.52
CA ILE B 190 -0.50 4.21 -8.73
C ILE B 190 -0.78 3.77 -7.28
N ARG B 191 0.19 3.09 -6.65
CA ARG B 191 0.07 2.61 -5.28
C ARG B 191 1.16 3.22 -4.44
N SER B 192 0.93 3.25 -3.12
CA SER B 192 1.87 3.82 -2.16
C SER B 192 1.82 3.03 -0.87
N VAL B 193 2.83 2.20 -0.58
CA VAL B 193 2.80 1.45 0.68
C VAL B 193 3.65 2.18 1.76
N GLY B 194 4.46 3.17 1.37
CA GLY B 194 5.16 4.01 2.33
C GLY B 194 6.59 3.66 2.69
N THR B 195 7.25 2.81 1.90
CA THR B 195 8.66 2.50 2.11
C THR B 195 9.30 2.31 0.75
N ALA B 196 10.43 2.95 0.50
CA ALA B 196 11.13 2.83 -0.77
C ALA B 196 11.56 1.39 -1.00
N ALA B 197 12.11 0.79 0.03
CA ALA B 197 12.66 -0.57 -0.12
C ALA B 197 11.57 -1.58 -0.42
N VAL B 198 10.42 -1.49 0.26
CA VAL B 198 9.33 -2.41 -0.02
C VAL B 198 8.70 -2.11 -1.37
N ASN B 199 8.55 -0.83 -1.73
CA ASN B 199 8.04 -0.50 -3.07
C ASN B 199 8.92 -1.15 -4.15
N MET B 200 10.23 -1.08 -4.00
CA MET B 200 11.14 -1.70 -4.96
C MET B 200 11.04 -3.22 -4.93
N CYS B 201 10.90 -3.82 -3.75
CA CYS B 201 10.75 -5.28 -3.70
C CYS B 201 9.45 -5.71 -4.34
N LEU B 202 8.38 -4.88 -4.29
CA LEU B 202 7.15 -5.21 -4.99
C LEU B 202 7.41 -5.23 -6.51
N VAL B 203 8.26 -4.36 -7.05
CA VAL B 203 8.62 -4.44 -8.46
C VAL B 203 9.39 -5.73 -8.72
N ALA B 204 10.35 -6.08 -7.86
CA ALA B 204 11.13 -7.31 -8.04
C ALA B 204 10.24 -8.55 -8.09
N THR B 205 9.13 -8.55 -7.36
CA THR B 205 8.23 -9.72 -7.35
C THR B 205 7.37 -9.80 -8.59
N GLY B 206 7.15 -8.68 -9.26
CA GLY B 206 6.24 -8.60 -10.39
C GLY B 206 4.87 -8.05 -10.02
N GLY B 207 4.62 -7.81 -8.73
CA GLY B 207 3.32 -7.30 -8.27
C GLY B 207 3.05 -5.85 -8.66
N ALA B 208 4.14 -5.10 -8.91
CA ALA B 208 4.05 -3.77 -9.55
C ALA B 208 5.01 -3.78 -10.71
N ASP B 209 4.78 -2.91 -11.69
CA ASP B 209 5.64 -2.89 -12.87
C ASP B 209 6.80 -1.91 -12.77
N ALA B 210 6.64 -0.84 -11.99
CA ALA B 210 7.73 0.10 -11.81
C ALA B 210 7.50 1.00 -10.63
N TYR B 211 8.60 1.49 -10.07
CA TYR B 211 8.67 2.44 -8.99
C TYR B 211 9.47 3.63 -9.42
N TYR B 212 9.08 4.82 -9.03
CA TYR B 212 9.95 5.97 -9.22
C TYR B 212 9.83 6.86 -8.00
N GLU B 213 10.91 7.61 -7.69
CA GLU B 213 10.85 8.61 -6.65
C GLU B 213 12.03 9.54 -6.73
N MET B 214 11.80 10.81 -6.43
CA MET B 214 12.88 11.80 -6.23
C MET B 214 12.84 12.24 -4.79
N GLY B 215 13.99 12.16 -4.11
CA GLY B 215 14.08 12.52 -2.71
C GLY B 215 14.59 11.38 -1.86
N ILE B 216 14.68 10.18 -2.40
CA ILE B 216 15.24 9.07 -1.65
C ILE B 216 16.70 9.35 -1.31
N HIS B 217 17.25 8.53 -0.40
CA HIS B 217 18.67 8.59 -0.06
C HIS B 217 19.31 7.26 -0.43
N CYS B 218 20.66 7.22 -0.44
CA CYS B 218 21.38 6.04 -0.88
C CYS B 218 20.96 4.78 -0.09
N TRP B 219 20.73 4.94 1.21
CA TRP B 219 20.35 3.80 2.06
C TRP B 219 18.92 3.32 1.79
N ASP B 220 18.09 4.11 1.10
CA ASP B 220 16.74 3.70 0.74
C ASP B 220 16.75 2.72 -0.40
N VAL B 221 17.72 2.84 -1.31
CA VAL B 221 17.73 2.04 -2.54
C VAL B 221 18.90 1.06 -2.64
N ALA B 222 19.90 1.11 -1.74
CA ALA B 222 21.09 0.25 -1.87
C ALA B 222 20.80 -1.22 -1.65
N GLY B 223 19.88 -1.57 -0.78
CA GLY B 223 19.54 -2.97 -0.56
C GLY B 223 18.63 -3.49 -1.65
N ALA B 224 17.60 -2.71 -2.01
CA ALA B 224 16.58 -3.21 -2.92
C ALA B 224 16.93 -3.12 -4.41
N GLY B 225 17.83 -2.22 -4.80
CA GLY B 225 18.12 -2.09 -6.23
C GLY B 225 18.61 -3.36 -6.85
N ILE B 226 19.54 -4.02 -6.19
CA ILE B 226 20.10 -5.28 -6.69
C ILE B 226 19.05 -6.40 -6.67
N ILE B 227 18.07 -6.32 -5.78
CA ILE B 227 16.96 -7.28 -5.75
C ILE B 227 16.12 -7.08 -7.03
N VAL B 228 15.86 -5.83 -7.43
CA VAL B 228 15.14 -5.57 -8.66
C VAL B 228 15.95 -6.09 -9.86
N THR B 229 17.24 -5.76 -9.96
CA THR B 229 18.00 -6.15 -11.15
C THR B 229 18.25 -7.65 -11.20
N GLU B 230 18.46 -8.31 -10.05
CA GLU B 230 18.62 -9.76 -10.08
C GLU B 230 17.31 -10.48 -10.38
N ALA B 231 16.16 -9.80 -10.21
CA ALA B 231 14.86 -10.33 -10.59
C ALA B 231 14.57 -10.08 -12.10
N GLY B 232 15.49 -9.44 -12.80
CA GLY B 232 15.39 -9.18 -14.23
C GLY B 232 15.02 -7.77 -14.59
N GLY B 233 14.91 -6.88 -13.60
CA GLY B 233 14.58 -5.49 -13.84
C GLY B 233 15.75 -4.57 -14.11
N VAL B 234 15.46 -3.26 -14.10
CA VAL B 234 16.43 -2.22 -14.40
C VAL B 234 16.32 -1.09 -13.44
N LEU B 235 17.45 -0.41 -13.20
CA LEU B 235 17.54 0.83 -12.43
C LEU B 235 17.99 1.91 -13.34
N MET B 236 17.42 3.09 -13.25
CA MET B 236 17.75 4.20 -14.11
C MET B 236 17.54 5.48 -13.35
N ASP B 237 18.20 6.56 -13.79
CA ASP B 237 17.92 7.87 -13.28
C ASP B 237 16.61 8.34 -13.92
N VAL B 238 15.97 9.33 -13.30
CA VAL B 238 14.73 9.88 -13.85
C VAL B 238 14.98 10.65 -15.16
N THR B 239 16.23 10.96 -15.48
CA THR B 239 16.65 11.59 -16.75
C THR B 239 16.67 10.57 -17.89
N GLY B 240 16.57 9.28 -17.55
CA GLY B 240 16.74 8.19 -18.52
C GLY B 240 18.17 7.68 -18.56
N GLY B 241 19.07 8.36 -17.85
CA GLY B 241 20.46 8.01 -17.80
C GLY B 241 20.78 6.98 -16.75
N PRO B 242 22.06 6.72 -16.55
CA PRO B 242 22.48 5.73 -15.58
C PRO B 242 22.02 6.04 -14.14
N PHE B 243 21.63 4.98 -13.43
CA PHE B 243 21.29 5.11 -12.02
C PHE B 243 22.50 5.57 -11.23
N ASP B 244 22.31 6.54 -10.35
CA ASP B 244 23.36 7.10 -9.54
C ASP B 244 22.88 7.03 -8.09
N LEU B 245 23.56 6.21 -7.32
CA LEU B 245 23.19 5.91 -5.95
C LEU B 245 23.13 7.12 -5.03
N MET B 246 23.92 8.17 -5.29
CA MET B 246 23.93 9.34 -4.43
C MET B 246 23.13 10.52 -4.97
N SER B 247 22.40 10.31 -6.05
CA SER B 247 21.69 11.40 -6.73
C SER B 247 20.32 11.77 -6.21
N ARG B 248 19.76 11.00 -5.28
CA ARG B 248 18.43 11.23 -4.70
C ARG B 248 17.30 10.80 -5.65
N ARG B 249 17.60 10.18 -6.79
CA ARG B 249 16.53 9.87 -7.74
C ARG B 249 16.62 8.45 -8.25
N VAL B 250 15.46 7.82 -8.49
CA VAL B 250 15.47 6.47 -9.02
C VAL B 250 14.22 6.14 -9.81
N ILE B 251 14.40 5.31 -10.84
CA ILE B 251 13.36 4.56 -11.50
C ILE B 251 13.80 3.13 -11.37
N ALA B 252 12.99 2.26 -10.74
CA ALA B 252 13.26 0.84 -10.63
C ALA B 252 12.12 0.15 -11.34
N ALA B 253 12.36 -0.49 -12.50
CA ALA B 253 11.29 -1.01 -13.32
C ALA B 253 11.57 -2.42 -13.76
N ASN B 254 10.50 -3.05 -14.22
CA ASN B 254 10.60 -4.37 -14.82
C ASN B 254 11.51 -4.33 -16.07
N ASN B 255 11.46 -3.27 -16.88
CA ASN B 255 12.27 -3.22 -18.10
C ASN B 255 12.50 -1.80 -18.54
N ARG B 256 13.45 -1.63 -19.48
CA ARG B 256 13.85 -0.32 -19.98
C ARG B 256 12.74 0.40 -20.76
N ILE B 257 11.81 -0.35 -21.39
CA ILE B 257 10.71 0.29 -22.12
C ILE B 257 9.86 1.11 -21.14
N LEU B 258 9.41 0.47 -20.06
CA LEU B 258 8.59 1.24 -19.11
C LEU B 258 9.41 2.31 -18.41
N ALA B 259 10.66 1.99 -18.04
CA ALA B 259 11.47 2.97 -17.33
C ALA B 259 11.68 4.25 -18.14
N GLU B 260 12.03 4.10 -19.44
CA GLU B 260 12.26 5.26 -20.29
CA GLU B 260 12.26 5.26 -20.28
C GLU B 260 10.98 6.04 -20.51
N ARG B 261 9.83 5.36 -20.60
CA ARG B 261 8.56 6.04 -20.81
CA ARG B 261 8.59 6.09 -20.82
C ARG B 261 8.20 6.89 -19.59
N ILE B 262 8.48 6.36 -18.41
CA ILE B 262 8.21 7.06 -17.18
C ILE B 262 9.11 8.29 -17.11
N ALA B 263 10.42 8.09 -17.39
CA ALA B 263 11.38 9.19 -17.35
C ALA B 263 10.96 10.37 -18.24
N LYS B 264 10.32 10.06 -19.39
CA LYS B 264 9.88 11.09 -20.34
C LYS B 264 8.86 12.05 -19.68
N GLU B 265 8.03 11.61 -18.71
CA GLU B 265 7.03 12.47 -18.07
C GLU B 265 7.51 13.21 -16.86
N ILE B 266 8.59 12.80 -16.26
CA ILE B 266 9.03 13.37 -15.00
C ILE B 266 9.78 14.68 -15.18
N GLN B 267 9.32 15.72 -14.50
CA GLN B 267 10.09 16.95 -14.35
C GLN B 267 10.95 16.78 -13.10
N VAL B 268 12.26 17.04 -13.21
CA VAL B 268 13.20 16.84 -12.13
C VAL B 268 13.05 17.92 -11.05
N ILE B 269 12.98 17.50 -9.76
CA ILE B 269 12.93 18.37 -8.60
CA ILE B 269 12.95 18.41 -8.61
C ILE B 269 14.37 18.57 -8.14
N PRO B 270 14.81 19.83 -7.87
CA PRO B 270 16.20 20.02 -7.44
C PRO B 270 16.42 19.55 -6.03
N LEU B 271 17.49 18.84 -5.83
CA LEU B 271 17.78 18.24 -4.54
C LEU B 271 19.26 18.20 -4.25
N GLN B 272 19.63 18.28 -2.99
CA GLN B 272 21.01 18.14 -2.56
C GLN B 272 21.40 16.67 -2.63
N ARG B 273 22.47 16.34 -3.29
CA ARG B 273 22.94 14.96 -3.39
C ARG B 273 23.42 14.44 -2.06
N ASP B 274 23.46 13.12 -1.89
CA ASP B 274 23.97 12.53 -0.63
C ASP B 274 25.47 12.73 -0.49
N ASP B 275 26.20 13.01 -1.60
CA ASP B 275 27.66 13.28 -1.54
C ASP B 275 27.91 14.81 -1.58
N GLU B 276 26.91 15.64 -1.29
CA GLU B 276 27.01 17.09 -1.14
C GLU B 276 26.64 17.54 0.26
N ASP B 277 27.19 18.70 0.66
CA ASP B 277 26.99 19.37 1.96
C ASP B 277 26.27 20.70 1.75
#